data_1ZPB
#
_entry.id   1ZPB
#
_cell.length_a   121.173
_cell.length_b   121.173
_cell.length_c   121.173
_cell.angle_alpha   90.00
_cell.angle_beta   90.00
_cell.angle_gamma   90.00
#
_symmetry.space_group_name_H-M   'I 2 3'
#
loop_
_entity.id
_entity.type
_entity.pdbx_description
1 polymer 'Coagulation factor XI'
2 non-polymer 'SULFATE ION'
3 non-polymer '4-METHYL-PENTANOIC ACID {1-[4-GUANIDINO-1-(THIAZOLE-2-CARBONYL)-BUTYLCARBAMOYL]-2-METHYL-PROPYL}-AMIDE'
4 water water
#
_entity_poly.entity_id   1
_entity_poly.type   'polypeptide(L)'
_entity_poly.pdbx_seq_one_letter_code
;IVGGTASVRGEWPWQVTLHTTSPTQRHLCGGSIIGNQWILTAAHCFYGVESPKILRVYSGILNQAEIAEDTSFFGVQEII
IHDQYKMAESGYDIALLKLETTVNYADSQRPISLPSKGDRNVIYTDCWVTGWGYRKLRDKIQNTLQKAKIPLVTNEECQK
RYRGHKITHKMICAGYREGGKDACKGDSGGPLSCKHNEVWHLVGITSWGEGCAQRERPGVYTNVVEYVDWILEKTQAV
;
_entity_poly.pdbx_strand_id   A
#
loop_
_chem_comp.id
_chem_comp.type
_chem_comp.name
_chem_comp.formula
995 non-polymer '4-METHYL-PENTANOIC ACID {1-[4-GUANIDINO-1-(THIAZOLE-2-CARBONYL)-BUTYLCARBAMOYL]-2-METHYL-PROPYL}-AMIDE' 'C20 H36 N6 O3 S'
SO4 non-polymer 'SULFATE ION' 'O4 S -2'
#
# COMPACT_ATOMS: atom_id res chain seq x y z
N ILE A 1 -10.78 3.00 -1.33
CA ILE A 1 -11.21 2.54 0.02
C ILE A 1 -12.75 2.50 0.09
N VAL A 2 -13.31 1.35 0.40
CA VAL A 2 -14.76 1.24 0.52
C VAL A 2 -15.17 1.40 1.98
N GLY A 3 -16.24 2.15 2.22
CA GLY A 3 -16.75 2.34 3.57
C GLY A 3 -15.85 3.10 4.53
N GLY A 4 -14.94 3.90 4.00
CA GLY A 4 -14.06 4.67 4.88
C GLY A 4 -14.55 6.10 4.98
N THR A 5 -13.64 7.01 5.34
CA THR A 5 -13.98 8.42 5.47
C THR A 5 -12.76 9.24 5.06
N ALA A 6 -12.97 10.54 4.87
CA ALA A 6 -11.89 11.42 4.48
C ALA A 6 -10.80 11.48 5.56
N SER A 7 -9.56 11.49 5.12
CA SER A 7 -8.44 11.57 6.05
C SER A 7 -8.15 13.04 6.37
N VAL A 8 -7.52 13.29 7.51
CA VAL A 8 -7.14 14.64 7.89
C VAL A 8 -5.77 14.85 7.24
N ARG A 9 -5.52 16.04 6.72
CA ARG A 9 -4.25 16.32 6.08
C ARG A 9 -3.10 15.98 7.03
N GLY A 10 -2.08 15.31 6.50
CA GLY A 10 -0.91 14.95 7.30
C GLY A 10 -1.12 13.78 8.24
N GLU A 11 -2.32 13.22 8.25
CA GLU A 11 -2.63 12.10 9.12
C GLU A 11 -1.86 10.83 8.77
N TRP A 12 -1.59 10.62 7.48
CA TRP A 12 -0.86 9.44 7.04
C TRP A 12 0.31 9.91 6.19
N PRO A 13 1.30 10.58 6.83
CA PRO A 13 2.50 11.13 6.19
C PRO A 13 3.40 10.20 5.38
N TRP A 14 3.27 8.89 5.58
CA TRP A 14 4.09 7.94 4.82
C TRP A 14 3.40 7.56 3.50
N GLN A 15 2.13 7.91 3.37
CA GLN A 15 1.35 7.60 2.18
C GLN A 15 1.71 8.49 1.00
N VAL A 16 1.99 7.88 -0.15
CA VAL A 16 2.30 8.63 -1.35
C VAL A 16 1.38 8.15 -2.45
N THR A 17 1.20 8.97 -3.47
CA THR A 17 0.39 8.58 -4.61
C THR A 17 1.34 8.43 -5.79
N LEU A 18 1.34 7.26 -6.41
CA LEU A 18 2.21 7.01 -7.55
C LEU A 18 1.46 7.25 -8.84
N HIS A 19 1.93 8.20 -9.65
CA HIS A 19 1.28 8.50 -10.91
C HIS A 19 2.06 7.99 -12.09
N THR A 20 1.37 7.76 -13.19
CA THR A 20 1.99 7.37 -14.43
C THR A 20 1.64 8.54 -15.34
N THR A 21 2.55 8.90 -16.25
CA THR A 21 2.30 10.02 -17.14
C THR A 21 1.77 9.57 -18.51
N SER A 22 1.71 8.27 -18.75
CA SER A 22 1.26 7.76 -20.04
C SER A 22 -0.15 7.17 -19.98
N PRO A 23 -1.04 7.57 -20.90
CA PRO A 23 -0.89 8.52 -22.01
C PRO A 23 -0.94 9.95 -21.47
N THR A 24 -1.79 10.13 -20.46
CA THR A 24 -1.91 11.40 -19.75
C THR A 24 -1.79 11.01 -18.28
N GLN A 25 -1.34 11.96 -17.46
CA GLN A 25 -1.13 11.67 -16.05
C GLN A 25 -2.37 11.24 -15.25
N ARG A 26 -2.18 10.24 -14.40
CA ARG A 26 -3.25 9.71 -13.56
C ARG A 26 -2.67 8.91 -12.41
N HIS A 27 -3.45 8.74 -11.35
CA HIS A 27 -3.04 7.96 -10.19
C HIS A 27 -2.97 6.48 -10.59
N LEU A 28 -1.84 5.84 -10.29
CA LEU A 28 -1.66 4.44 -10.62
C LEU A 28 -1.83 3.53 -9.39
N CYS A 29 -1.06 3.84 -8.36
CA CYS A 29 -1.06 3.06 -7.14
C CYS A 29 -0.66 3.86 -5.92
N GLY A 30 -0.83 3.26 -4.75
CA GLY A 30 -0.43 3.92 -3.52
C GLY A 30 0.96 3.40 -3.20
N GLY A 31 1.58 3.95 -2.16
CA GLY A 31 2.92 3.53 -1.78
C GLY A 31 3.23 4.10 -0.42
N SER A 32 4.32 3.64 0.19
CA SER A 32 4.71 4.11 1.52
C SER A 32 6.17 4.53 1.59
N ILE A 33 6.42 5.68 2.20
CA ILE A 33 7.78 6.16 2.39
C ILE A 33 8.38 5.33 3.52
N ILE A 34 9.50 4.67 3.27
CA ILE A 34 10.14 3.89 4.32
C ILE A 34 11.57 4.34 4.53
N GLY A 35 12.03 5.22 3.64
CA GLY A 35 13.40 5.73 3.71
C GLY A 35 13.46 7.01 2.88
N ASN A 36 14.51 7.81 3.05
CA ASN A 36 14.64 9.08 2.32
C ASN A 36 14.64 8.95 0.79
N GLN A 37 14.96 7.78 0.28
CA GLN A 37 15.00 7.59 -1.16
C GLN A 37 14.25 6.33 -1.55
N TRP A 38 13.45 5.81 -0.61
CA TRP A 38 12.73 4.57 -0.84
C TRP A 38 11.22 4.54 -0.58
N ILE A 39 10.48 4.02 -1.56
CA ILE A 39 9.04 3.87 -1.46
C ILE A 39 8.76 2.37 -1.53
N LEU A 40 8.00 1.84 -0.58
CA LEU A 40 7.66 0.42 -0.60
C LEU A 40 6.26 0.34 -1.15
N THR A 41 6.07 -0.49 -2.17
CA THR A 41 4.77 -0.62 -2.81
C THR A 41 4.55 -2.05 -3.34
N ALA A 42 3.52 -2.23 -4.16
CA ALA A 42 3.21 -3.53 -4.71
C ALA A 42 3.89 -3.71 -6.07
N ALA A 43 4.40 -4.90 -6.33
CA ALA A 43 5.06 -5.18 -7.59
C ALA A 43 4.08 -5.28 -8.76
N HIS A 44 2.89 -5.76 -8.47
CA HIS A 44 1.89 -5.93 -9.49
C HIS A 44 1.40 -4.57 -9.99
N CYS A 45 1.87 -3.50 -9.35
CA CYS A 45 1.48 -2.16 -9.73
C CYS A 45 2.26 -1.65 -10.93
N PHE A 46 3.20 -2.47 -11.41
CA PHE A 46 4.01 -2.10 -12.53
C PHE A 46 3.81 -2.97 -13.74
N TYR A 47 2.58 -3.41 -13.91
CA TYR A 47 2.24 -4.23 -15.04
C TYR A 47 2.11 -3.39 -16.31
N GLY A 48 2.97 -3.63 -17.29
CA GLY A 48 2.91 -2.85 -18.52
C GLY A 48 3.89 -1.70 -18.49
N VAL A 49 4.46 -1.46 -17.32
CA VAL A 49 5.40 -0.36 -17.15
C VAL A 49 6.77 -0.80 -17.66
N GLU A 50 7.18 -0.26 -18.80
CA GLU A 50 8.46 -0.61 -19.38
C GLU A 50 9.59 0.26 -18.85
N SER A 51 9.27 1.37 -18.22
CA SER A 51 10.32 2.26 -17.71
C SER A 51 9.92 3.12 -16.53
N PRO A 52 10.89 3.45 -15.65
CA PRO A 52 10.59 4.27 -14.48
C PRO A 52 10.39 5.73 -14.87
N LYS A 53 10.72 6.05 -16.11
CA LYS A 53 10.60 7.42 -16.61
C LYS A 53 9.17 7.94 -16.72
N ILE A 54 8.20 7.03 -16.73
CA ILE A 54 6.80 7.47 -16.82
C ILE A 54 6.18 7.59 -15.44
N LEU A 55 6.98 7.32 -14.40
CA LEU A 55 6.49 7.37 -13.02
C LEU A 55 6.80 8.66 -12.29
N ARG A 56 5.87 9.05 -11.41
CA ARG A 56 6.03 10.24 -10.60
C ARG A 56 5.46 9.93 -9.22
N VAL A 57 6.25 10.18 -8.19
CA VAL A 57 5.80 9.95 -6.83
C VAL A 57 5.52 11.29 -6.16
N TYR A 58 4.31 11.45 -5.63
CA TYR A 58 3.94 12.67 -4.94
C TYR A 58 3.78 12.34 -3.46
N SER A 59 4.44 13.12 -2.60
CA SER A 59 4.37 12.93 -1.15
C SER A 59 3.65 14.10 -0.53
N GLY A 60 3.18 13.93 0.71
CA GLY A 60 2.48 15.00 1.41
C GLY A 60 1.17 15.43 0.78
N ILE A 61 0.53 14.53 0.05
CA ILE A 61 -0.73 14.85 -0.63
C ILE A 61 -1.95 14.39 0.15
N LEU A 62 -3.01 15.22 0.13
CA LEU A 62 -4.26 14.86 0.76
C LEU A 62 -5.25 14.69 -0.38
N ASN A 63 -5.42 15.76 -1.15
CA ASN A 63 -6.34 15.78 -2.28
C ASN A 63 -5.56 15.70 -3.59
N GLN A 64 -6.06 14.88 -4.51
CA GLN A 64 -5.42 14.73 -5.82
C GLN A 64 -5.44 16.07 -6.56
N ALA A 65 -6.36 16.94 -6.17
CA ALA A 65 -6.48 18.26 -6.80
C ALA A 65 -5.23 19.09 -6.54
N GLU A 66 -4.47 18.74 -5.51
CA GLU A 66 -3.24 19.47 -5.20
C GLU A 66 -2.22 19.21 -6.29
N ILE A 67 -2.43 18.13 -7.05
CA ILE A 67 -1.51 17.77 -8.11
C ILE A 67 -1.83 18.42 -9.45
N ALA A 68 -0.89 19.22 -9.94
CA ALA A 68 -1.02 19.92 -11.22
C ALA A 68 0.32 19.90 -11.94
N GLU A 69 0.35 20.50 -13.13
CA GLU A 69 1.55 20.54 -13.95
C GLU A 69 2.74 21.20 -13.25
N ASP A 70 2.47 22.17 -12.38
CA ASP A 70 3.51 22.88 -11.66
C ASP A 70 3.77 22.34 -10.25
N THR A 71 3.25 21.17 -9.94
CA THR A 71 3.45 20.59 -8.62
C THR A 71 4.72 19.74 -8.62
N SER A 72 5.58 19.95 -7.64
CA SER A 72 6.83 19.19 -7.56
C SER A 72 6.52 17.73 -7.27
N PHE A 73 7.40 16.84 -7.75
CA PHE A 73 7.22 15.41 -7.55
C PHE A 73 8.60 14.78 -7.50
N PHE A 74 8.63 13.49 -7.15
CA PHE A 74 9.89 12.76 -7.09
C PHE A 74 9.98 11.82 -8.27
N GLY A 75 11.12 11.86 -8.97
CA GLY A 75 11.31 10.98 -10.10
C GLY A 75 11.69 9.62 -9.57
N VAL A 76 11.49 8.59 -10.39
CA VAL A 76 11.82 7.23 -9.98
C VAL A 76 13.06 6.82 -10.75
N GLN A 77 14.11 6.45 -10.02
CA GLN A 77 15.35 6.03 -10.63
C GLN A 77 15.33 4.55 -10.98
N GLU A 78 14.74 3.75 -10.10
CA GLU A 78 14.70 2.32 -10.34
C GLU A 78 13.51 1.66 -9.68
N ILE A 79 12.96 0.66 -10.38
CA ILE A 79 11.86 -0.12 -9.88
C ILE A 79 12.47 -1.46 -9.50
N ILE A 80 12.33 -1.85 -8.24
CA ILE A 80 12.88 -3.13 -7.80
C ILE A 80 11.75 -4.10 -7.46
N ILE A 81 11.55 -5.08 -8.32
CA ILE A 81 10.50 -6.07 -8.14
C ILE A 81 11.12 -7.32 -7.52
N HIS A 82 10.43 -7.93 -6.56
CA HIS A 82 10.93 -9.14 -5.94
C HIS A 82 11.12 -10.18 -7.05
N ASP A 83 12.25 -10.87 -7.04
CA ASP A 83 12.54 -11.84 -8.09
C ASP A 83 11.59 -13.04 -8.16
N GLN A 84 10.87 -13.32 -7.08
CA GLN A 84 9.94 -14.45 -7.10
C GLN A 84 8.50 -14.04 -7.39
N TYR A 85 8.27 -12.75 -7.69
CA TYR A 85 6.93 -12.28 -7.98
C TYR A 85 6.47 -12.73 -9.36
N LYS A 86 5.26 -13.25 -9.44
CA LYS A 86 4.70 -13.67 -10.72
C LYS A 86 3.36 -12.96 -10.87
N MET A 87 2.55 -13.02 -9.81
CA MET A 87 1.26 -12.36 -9.79
C MET A 87 0.82 -12.16 -8.35
N ALA A 88 0.05 -11.12 -8.09
CA ALA A 88 -0.40 -10.79 -6.75
C ALA A 88 -0.95 -11.97 -5.96
N GLU A 89 -1.91 -12.68 -6.55
CA GLU A 89 -2.52 -13.84 -5.88
C GLU A 89 -1.54 -14.93 -5.48
N SER A 90 -0.36 -14.97 -6.08
CA SER A 90 0.65 -15.98 -5.74
C SER A 90 1.67 -15.50 -4.71
N GLY A 91 1.52 -14.27 -4.24
CA GLY A 91 2.46 -13.76 -3.24
C GLY A 91 3.63 -12.97 -3.79
N TYR A 92 4.53 -12.57 -2.90
CA TYR A 92 5.71 -11.79 -3.25
C TYR A 92 5.36 -10.50 -3.96
N ASP A 93 4.16 -9.99 -3.70
CA ASP A 93 3.72 -8.75 -4.32
C ASP A 93 4.32 -7.57 -3.57
N ILE A 94 5.60 -7.35 -3.81
CA ILE A 94 6.30 -6.26 -3.13
C ILE A 94 7.37 -5.69 -4.04
N ALA A 95 7.51 -4.37 -4.00
CA ALA A 95 8.48 -3.70 -4.85
C ALA A 95 8.99 -2.44 -4.19
N LEU A 96 10.19 -2.03 -4.58
CA LEU A 96 10.82 -0.83 -4.05
C LEU A 96 11.06 0.14 -5.20
N LEU A 97 10.80 1.42 -4.91
CA LEU A 97 11.03 2.46 -5.89
C LEU A 97 12.14 3.31 -5.31
N LYS A 98 13.27 3.34 -6.01
CA LYS A 98 14.39 4.16 -5.60
C LYS A 98 14.14 5.50 -6.27
N LEU A 99 14.00 6.55 -5.48
CA LEU A 99 13.72 7.88 -6.00
C LEU A 99 14.97 8.56 -6.56
N GLU A 100 14.80 9.43 -7.55
CA GLU A 100 15.93 10.14 -8.15
C GLU A 100 16.51 11.15 -7.16
N THR A 101 15.68 11.61 -6.23
CA THR A 101 16.11 12.57 -5.22
C THR A 101 15.61 12.15 -3.85
N THR A 102 16.15 12.80 -2.82
CA THR A 102 15.79 12.47 -1.45
C THR A 102 14.59 13.25 -0.93
N VAL A 103 13.79 12.59 -0.09
CA VAL A 103 12.62 13.21 0.50
C VAL A 103 13.04 13.97 1.75
N ASN A 104 12.73 15.27 1.79
CA ASN A 104 13.05 16.06 2.98
C ASN A 104 11.84 15.89 3.89
N TYR A 105 12.02 15.15 4.98
CA TYR A 105 10.92 14.91 5.89
C TYR A 105 10.38 16.17 6.54
N ALA A 106 9.09 16.12 6.88
CA ALA A 106 8.39 17.21 7.53
C ALA A 106 7.13 16.58 8.09
N ASP A 107 6.30 17.38 8.75
CA ASP A 107 5.07 16.87 9.33
C ASP A 107 4.12 16.25 8.29
N SER A 108 4.22 16.70 7.05
CA SER A 108 3.35 16.18 5.99
C SER A 108 3.91 14.95 5.29
N GLN A 109 5.21 14.69 5.47
CA GLN A 109 5.83 13.56 4.81
C GLN A 109 7.00 13.01 5.61
N ARG A 110 6.81 11.81 6.16
CA ARG A 110 7.84 11.15 6.94
C ARG A 110 7.70 9.64 6.72
N PRO A 111 8.76 8.87 7.02
CA PRO A 111 8.74 7.42 6.84
C PRO A 111 8.02 6.63 7.94
N ILE A 112 7.44 5.50 7.56
CA ILE A 112 6.76 4.65 8.53
C ILE A 112 7.70 3.52 8.90
N SER A 113 7.71 3.17 10.18
CA SER A 113 8.57 2.10 10.68
C SER A 113 8.16 0.72 10.15
N LEU A 114 9.15 -0.09 9.81
CA LEU A 114 8.87 -1.45 9.32
C LEU A 114 8.67 -2.31 10.55
N PRO A 115 7.86 -3.37 10.43
CA PRO A 115 7.64 -4.22 11.60
C PRO A 115 8.90 -5.04 11.90
N SER A 116 9.09 -5.36 13.17
CA SER A 116 10.23 -6.13 13.62
C SER A 116 9.93 -7.62 13.64
N LYS A 117 10.94 -8.45 13.37
CA LYS A 117 10.74 -9.89 13.38
C LYS A 117 10.25 -10.35 14.75
N GLY A 118 10.56 -9.57 15.77
CA GLY A 118 10.10 -9.92 17.11
C GLY A 118 8.62 -9.65 17.24
N ASP A 119 8.08 -8.79 16.40
CA ASP A 119 6.66 -8.44 16.47
C ASP A 119 5.68 -9.38 15.79
N ARG A 120 6.14 -10.56 15.35
CA ARG A 120 5.25 -11.49 14.69
C ARG A 120 4.24 -12.13 15.62
N ASN A 121 4.31 -11.79 16.90
CA ASN A 121 3.38 -12.33 17.88
C ASN A 121 2.37 -11.25 18.26
N VAL A 122 2.75 -10.00 18.00
CA VAL A 122 1.90 -8.87 18.31
C VAL A 122 0.53 -9.06 17.69
N ILE A 123 -0.50 -8.65 18.42
CA ILE A 123 -1.87 -8.75 17.93
C ILE A 123 -2.30 -7.31 17.67
N TYR A 124 -1.98 -6.80 16.49
CA TYR A 124 -2.34 -5.44 16.13
C TYR A 124 -3.86 -5.34 16.17
N THR A 125 -4.38 -4.42 16.96
CA THR A 125 -5.82 -4.23 17.08
C THR A 125 -6.26 -2.87 16.57
N ASP A 126 -5.30 -2.09 16.08
CA ASP A 126 -5.60 -0.74 15.57
C ASP A 126 -4.95 -0.56 14.20
N CYS A 127 -5.56 -1.19 13.21
CA CYS A 127 -5.04 -1.16 11.85
C CYS A 127 -5.91 -0.36 10.89
N TRP A 128 -5.27 0.42 10.02
CA TRP A 128 -5.99 1.24 9.05
C TRP A 128 -5.47 1.07 7.63
N VAL A 129 -6.38 1.03 6.67
CA VAL A 129 -5.98 0.95 5.27
C VAL A 129 -6.35 2.29 4.65
N THR A 130 -5.45 2.84 3.83
CA THR A 130 -5.68 4.15 3.23
C THR A 130 -5.38 4.19 1.74
N GLY A 131 -5.99 5.15 1.05
CA GLY A 131 -5.77 5.26 -0.39
C GLY A 131 -6.78 6.12 -1.09
N TRP A 132 -6.53 6.35 -2.38
CA TRP A 132 -7.40 7.15 -3.24
C TRP A 132 -8.19 6.23 -4.16
N GLY A 133 -8.24 4.95 -3.83
CA GLY A 133 -8.94 3.98 -4.65
C GLY A 133 -10.46 4.10 -4.69
N TYR A 134 -11.07 3.18 -5.43
CA TYR A 134 -12.52 3.13 -5.58
C TYR A 134 -13.26 3.03 -4.25
N ARG A 135 -14.44 3.66 -4.20
CA ARG A 135 -15.28 3.62 -3.01
C ARG A 135 -16.35 2.57 -3.23
N LYS A 136 -16.24 1.92 -4.39
CA LYS A 136 -17.16 0.85 -4.78
C LYS A 136 -16.54 0.16 -5.98
N LEU A 137 -16.92 -1.11 -6.18
CA LEU A 137 -16.40 -1.93 -7.27
C LEU A 137 -16.21 -1.17 -8.59
N ARG A 138 -17.29 -0.60 -9.10
CA ARG A 138 -17.25 0.16 -10.34
C ARG A 138 -17.27 1.62 -9.97
N ASP A 139 -16.08 2.20 -9.79
CA ASP A 139 -15.99 3.59 -9.40
C ASP A 139 -14.84 4.29 -10.12
N LYS A 140 -14.23 5.26 -9.45
CA LYS A 140 -13.12 6.01 -10.02
C LYS A 140 -12.23 6.52 -8.89
N ILE A 141 -11.03 6.94 -9.24
CA ILE A 141 -10.06 7.45 -8.26
C ILE A 141 -10.64 8.62 -7.47
N GLN A 142 -10.51 8.56 -6.16
CA GLN A 142 -11.03 9.61 -5.29
C GLN A 142 -10.07 10.78 -5.16
N ASN A 143 -10.63 11.96 -4.94
CA ASN A 143 -9.84 13.17 -4.78
C ASN A 143 -9.16 13.20 -3.40
N THR A 144 -9.94 12.95 -2.37
CA THR A 144 -9.43 12.97 -1.00
C THR A 144 -9.02 11.60 -0.47
N LEU A 145 -7.82 11.52 0.10
CA LEU A 145 -7.31 10.27 0.65
C LEU A 145 -8.31 9.75 1.68
N GLN A 146 -8.69 8.48 1.53
CA GLN A 146 -9.65 7.84 2.43
C GLN A 146 -8.96 6.94 3.43
N LYS A 147 -9.65 6.67 4.54
CA LYS A 147 -9.11 5.81 5.57
C LYS A 147 -10.23 4.92 6.10
N ALA A 148 -9.89 3.71 6.51
CA ALA A 148 -10.85 2.79 7.06
C ALA A 148 -10.14 1.90 8.07
N LYS A 149 -10.71 1.76 9.25
CA LYS A 149 -10.12 0.91 10.27
C LYS A 149 -10.65 -0.48 9.96
N ILE A 150 -9.75 -1.47 9.93
CA ILE A 150 -10.17 -2.83 9.61
C ILE A 150 -9.43 -3.85 10.46
N PRO A 151 -10.15 -4.82 11.01
CA PRO A 151 -9.54 -5.85 11.85
C PRO A 151 -8.80 -6.91 11.02
N LEU A 152 -7.70 -7.39 11.58
CA LEU A 152 -6.93 -8.44 10.94
C LEU A 152 -7.69 -9.73 11.16
N VAL A 153 -7.48 -10.69 10.27
CA VAL A 153 -8.11 -12.00 10.39
C VAL A 153 -6.97 -13.00 10.30
N THR A 154 -7.10 -14.13 10.99
CA THR A 154 -6.05 -15.14 10.96
C THR A 154 -5.90 -15.67 9.54
N ASN A 155 -4.71 -16.14 9.21
CA ASN A 155 -4.45 -16.68 7.88
C ASN A 155 -5.35 -17.89 7.65
N GLU A 156 -5.60 -18.66 8.71
CA GLU A 156 -6.44 -19.84 8.61
C GLU A 156 -7.87 -19.41 8.28
N GLU A 157 -8.28 -18.29 8.88
CA GLU A 157 -9.61 -17.72 8.66
C GLU A 157 -9.70 -17.23 7.22
N CYS A 158 -8.62 -16.62 6.74
CA CYS A 158 -8.57 -16.10 5.38
C CYS A 158 -8.61 -17.21 4.34
N GLN A 159 -7.82 -18.27 4.56
CA GLN A 159 -7.78 -19.40 3.65
C GLN A 159 -9.18 -19.96 3.44
N LYS A 160 -9.97 -19.96 4.50
CA LYS A 160 -11.34 -20.45 4.43
C LYS A 160 -12.18 -19.63 3.45
N ARG A 161 -11.88 -18.35 3.33
CA ARG A 161 -12.62 -17.48 2.44
C ARG A 161 -12.08 -17.50 1.02
N TYR A 162 -10.92 -18.13 0.85
CA TYR A 162 -10.29 -18.24 -0.44
C TYR A 162 -9.82 -19.64 -0.73
N ARG A 163 -10.75 -20.59 -0.65
CA ARG A 163 -10.43 -21.98 -0.88
C ARG A 163 -9.87 -22.18 -2.30
N GLY A 164 -9.98 -21.16 -3.15
CA GLY A 164 -9.45 -21.27 -4.48
C GLY A 164 -7.99 -20.86 -4.56
N HIS A 165 -7.52 -20.18 -3.54
CA HIS A 165 -6.16 -19.72 -3.51
C HIS A 165 -5.37 -20.34 -2.38
N LYS A 166 -4.12 -19.92 -2.27
CA LYS A 166 -3.24 -20.41 -1.23
C LYS A 166 -2.83 -19.16 -0.46
N ILE A 167 -3.33 -19.02 0.76
CA ILE A 167 -3.00 -17.88 1.61
C ILE A 167 -1.79 -18.32 2.43
N THR A 168 -0.62 -17.86 2.02
CA THR A 168 0.63 -18.22 2.67
C THR A 168 0.92 -17.31 3.86
N HIS A 169 1.91 -17.69 4.67
CA HIS A 169 2.28 -16.89 5.83
C HIS A 169 2.95 -15.59 5.40
N LYS A 170 3.14 -15.42 4.10
CA LYS A 170 3.76 -14.20 3.59
C LYS A 170 2.67 -13.21 3.16
N MET A 171 1.43 -13.56 3.50
CA MET A 171 0.28 -12.71 3.20
C MET A 171 -0.40 -12.49 4.54
N ILE A 172 -1.21 -11.46 4.62
CA ILE A 172 -1.95 -11.18 5.84
C ILE A 172 -3.25 -10.58 5.35
N CYS A 173 -4.35 -10.96 5.98
CA CYS A 173 -5.67 -10.47 5.57
C CYS A 173 -6.37 -9.61 6.61
N ALA A 174 -7.28 -8.77 6.14
CA ALA A 174 -8.05 -7.90 7.00
C ALA A 174 -9.42 -7.63 6.40
N GLY A 175 -10.45 -7.65 7.24
CA GLY A 175 -11.80 -7.38 6.77
C GLY A 175 -12.87 -7.77 7.76
N TYR A 176 -14.10 -7.33 7.51
CA TYR A 176 -15.21 -7.64 8.39
C TYR A 176 -15.97 -8.85 7.87
N ARG A 177 -16.37 -9.74 8.78
CA ARG A 177 -17.11 -10.92 8.40
C ARG A 177 -18.29 -10.55 7.51
N GLU A 178 -18.88 -9.39 7.78
CA GLU A 178 -20.02 -8.93 7.00
C GLU A 178 -19.58 -7.93 5.94
N GLY A 179 -18.27 -7.69 5.86
CA GLY A 179 -17.76 -6.75 4.88
C GLY A 179 -18.16 -5.33 5.20
N GLY A 180 -18.17 -4.48 4.18
CA GLY A 180 -18.53 -3.09 4.37
C GLY A 180 -17.33 -2.16 4.28
N LYS A 181 -16.19 -2.60 4.81
CA LYS A 181 -14.98 -1.77 4.79
C LYS A 181 -13.81 -2.56 4.19
N ASP A 182 -13.14 -1.98 3.21
CA ASP A 182 -12.05 -2.70 2.55
C ASP A 182 -11.29 -1.75 1.63
N ALA A 183 -10.15 -2.21 1.12
CA ALA A 183 -9.41 -1.40 0.17
C ALA A 183 -10.06 -1.79 -1.15
N CYS A 184 -9.80 -1.06 -2.22
CA CYS A 184 -10.39 -1.41 -3.51
C CYS A 184 -9.45 -0.95 -4.61
N LYS A 185 -9.93 -0.93 -5.85
CA LYS A 185 -9.11 -0.54 -6.99
C LYS A 185 -8.50 0.85 -6.88
N GLY A 186 -7.18 0.92 -6.97
CA GLY A 186 -6.48 2.19 -6.86
C GLY A 186 -5.75 2.29 -5.55
N ASP A 187 -6.08 1.41 -4.60
CA ASP A 187 -5.44 1.42 -3.29
C ASP A 187 -4.18 0.56 -3.28
N SER A 188 -4.04 -0.27 -4.30
CA SER A 188 -2.89 -1.16 -4.46
C SER A 188 -1.58 -0.45 -4.16
N GLY A 189 -0.69 -1.15 -3.45
CA GLY A 189 0.59 -0.55 -3.12
C GLY A 189 0.44 0.25 -1.85
N GLY A 190 -0.80 0.52 -1.47
CA GLY A 190 -1.05 1.27 -0.27
C GLY A 190 -0.57 0.54 0.98
N PRO A 191 -0.39 1.27 2.09
CA PRO A 191 0.05 0.69 3.34
C PRO A 191 -1.11 0.26 4.22
N LEU A 192 -0.87 -0.76 5.03
CA LEU A 192 -1.87 -1.24 5.98
C LEU A 192 -1.28 -0.92 7.34
N SER A 193 -1.36 0.34 7.74
CA SER A 193 -0.76 0.80 8.99
C SER A 193 -1.47 0.33 10.26
N CYS A 194 -0.69 -0.15 11.22
CA CYS A 194 -1.26 -0.58 12.50
C CYS A 194 -0.52 0.15 13.62
N LYS A 195 -1.26 0.78 14.51
CA LYS A 195 -0.61 1.48 15.62
C LYS A 195 -0.44 0.56 16.82
N HIS A 196 0.82 0.29 17.18
CA HIS A 196 1.10 -0.57 18.32
C HIS A 196 2.09 0.13 19.24
N ASN A 197 1.70 0.29 20.50
CA ASN A 197 2.56 0.96 21.47
C ASN A 197 2.86 2.38 21.06
N GLU A 198 1.83 3.09 20.61
CA GLU A 198 1.95 4.48 20.18
C GLU A 198 2.83 4.69 18.96
N VAL A 199 3.11 3.62 18.24
CA VAL A 199 3.93 3.72 17.04
C VAL A 199 3.28 3.02 15.85
N TRP A 200 3.30 3.67 14.69
CA TRP A 200 2.72 3.09 13.50
C TRP A 200 3.70 2.17 12.80
N HIS A 201 3.23 0.99 12.44
CA HIS A 201 4.06 0.01 11.75
C HIS A 201 3.46 -0.36 10.40
N LEU A 202 4.31 -0.50 9.38
CA LEU A 202 3.83 -0.88 8.06
C LEU A 202 3.67 -2.39 8.09
N VAL A 203 2.48 -2.83 8.47
CA VAL A 203 2.19 -4.26 8.58
C VAL A 203 1.90 -4.95 7.25
N GLY A 204 1.15 -4.28 6.37
CA GLY A 204 0.86 -4.88 5.08
C GLY A 204 0.86 -3.90 3.93
N ILE A 205 0.82 -4.44 2.72
CA ILE A 205 0.78 -3.64 1.50
C ILE A 205 -0.45 -4.11 0.75
N THR A 206 -1.37 -3.20 0.45
CA THR A 206 -2.59 -3.56 -0.26
C THR A 206 -2.24 -4.31 -1.54
N SER A 207 -2.78 -5.52 -1.68
CA SER A 207 -2.47 -6.37 -2.83
C SER A 207 -3.68 -6.78 -3.68
N TRP A 208 -4.52 -7.66 -3.14
CA TRP A 208 -5.67 -8.13 -3.90
C TRP A 208 -6.86 -8.53 -3.04
N GLY A 209 -7.96 -8.86 -3.72
CA GLY A 209 -9.17 -9.26 -3.03
C GLY A 209 -10.25 -9.61 -4.04
N GLU A 210 -11.15 -10.51 -3.67
CA GLU A 210 -12.26 -10.87 -4.56
C GLU A 210 -13.31 -9.78 -4.41
N GLY A 211 -13.43 -8.93 -5.42
CA GLY A 211 -14.37 -7.84 -5.35
C GLY A 211 -13.85 -6.84 -4.32
N CYS A 212 -14.74 -6.06 -3.72
CA CYS A 212 -14.34 -5.09 -2.70
C CYS A 212 -15.34 -5.00 -1.56
N ALA A 213 -14.86 -5.26 -0.35
CA ALA A 213 -15.70 -5.19 0.85
C ALA A 213 -16.85 -6.19 0.87
N GLN A 214 -16.72 -7.28 0.11
CA GLN A 214 -17.77 -8.29 0.10
C GLN A 214 -17.72 -9.10 1.39
N ARG A 215 -18.88 -9.56 1.85
CA ARG A 215 -18.89 -10.34 3.08
C ARG A 215 -18.08 -11.60 2.86
N GLU A 216 -17.41 -12.05 3.92
CA GLU A 216 -16.58 -13.25 3.89
C GLU A 216 -15.52 -13.21 2.78
N ARG A 217 -15.05 -12.02 2.45
CA ARG A 217 -14.01 -11.85 1.44
C ARG A 217 -13.07 -10.74 1.92
N PRO A 218 -12.17 -11.05 2.86
CA PRO A 218 -11.19 -10.12 3.42
C PRO A 218 -10.22 -9.60 2.37
N GLY A 219 -9.66 -8.42 2.60
CA GLY A 219 -8.69 -7.89 1.68
C GLY A 219 -7.41 -8.66 1.95
N VAL A 220 -6.60 -8.90 0.93
CA VAL A 220 -5.36 -9.63 1.13
C VAL A 220 -4.20 -8.67 0.95
N TYR A 221 -3.22 -8.77 1.86
CA TYR A 221 -2.07 -7.88 1.84
C TYR A 221 -0.74 -8.63 1.92
N THR A 222 0.32 -8.00 1.41
CA THR A 222 1.64 -8.60 1.50
C THR A 222 2.02 -8.46 2.98
N ASN A 223 2.50 -9.54 3.59
CA ASN A 223 2.88 -9.53 5.01
C ASN A 223 4.29 -8.98 5.07
N VAL A 224 4.40 -7.67 5.30
CA VAL A 224 5.68 -6.98 5.32
C VAL A 224 6.79 -7.54 6.22
N VAL A 225 6.46 -7.92 7.46
CA VAL A 225 7.50 -8.44 8.34
C VAL A 225 8.29 -9.58 7.71
N GLU A 226 7.66 -10.29 6.76
CA GLU A 226 8.32 -11.40 6.09
C GLU A 226 9.32 -10.95 5.03
N TYR A 227 9.40 -9.65 4.79
CA TYR A 227 10.32 -9.14 3.78
C TYR A 227 11.36 -8.15 4.30
N VAL A 228 11.54 -8.05 5.62
CA VAL A 228 12.51 -7.11 6.15
C VAL A 228 13.92 -7.41 5.66
N ASP A 229 14.28 -8.68 5.55
CA ASP A 229 15.60 -9.04 5.05
C ASP A 229 15.75 -8.63 3.59
N TRP A 230 14.70 -8.88 2.80
CA TRP A 230 14.70 -8.52 1.39
C TRP A 230 14.84 -7.01 1.25
N ILE A 231 14.03 -6.27 2.00
CA ILE A 231 14.07 -4.81 1.96
C ILE A 231 15.47 -4.30 2.30
N LEU A 232 16.06 -4.80 3.39
CA LEU A 232 17.39 -4.37 3.78
C LEU A 232 18.41 -4.67 2.70
N GLU A 233 18.32 -5.86 2.12
CA GLU A 233 19.25 -6.28 1.09
C GLU A 233 19.13 -5.42 -0.17
N LYS A 234 17.91 -5.10 -0.57
CA LYS A 234 17.69 -4.30 -1.76
C LYS A 234 17.91 -2.81 -1.54
N THR A 235 17.89 -2.39 -0.28
CA THR A 235 18.09 -0.98 0.05
C THR A 235 19.55 -0.65 0.32
N GLN A 236 20.34 -1.68 0.62
CA GLN A 236 21.76 -1.49 0.89
C GLN A 236 22.56 -1.36 -0.39
N ALA A 237 22.89 -0.12 -0.75
CA ALA A 237 23.67 0.16 -1.95
C ALA A 237 24.84 -0.82 -2.06
S SO4 B . 22.06 8.19 -6.31
O1 SO4 B . 22.26 9.23 -7.32
O2 SO4 B . 20.65 7.96 -6.05
O3 SO4 B . 22.71 8.62 -5.07
O4 SO4 B . 22.67 6.95 -6.75
CX 995 C . -4.99 -2.35 -6.74
CY 995 C . -6.06 -3.41 -6.40
CZ 995 C . -4.72 -2.21 -8.25
OX 995 C . -5.45 -1.11 -6.27
S1 995 C . -5.46 -1.02 -9.23
C2 995 C . -4.59 -1.66 -10.55
C3 995 C . -3.79 -2.74 -10.17
N1 995 C . -3.90 -3.03 -8.82
C6 995 C . -6.29 -3.52 -4.87
C7 995 C . -7.62 -4.21 -4.58
N2 995 C . -5.62 -4.72 -6.84
C8 995 C . -6.19 -5.42 -7.80
C9 995 C . -5.53 -6.78 -8.09
C10 995 C . -4.44 -6.68 -9.17
C11 995 C . -4.97 -6.37 -10.59
C12 995 C . -3.61 -7.96 -9.20
N3 995 C . -6.55 -7.78 -8.45
C13 995 C . -7.55 -8.16 -7.63
C14 995 C . -8.51 -9.23 -8.16
C15 995 C . -8.40 -10.52 -7.31
C16 995 C . -9.49 -11.58 -7.59
C17 995 C . -9.25 -12.77 -6.66
C18 995 C . -9.45 -12.10 -9.03
O2 995 C . -7.70 -7.71 -6.49
O3 995 C . -7.17 -5.04 -8.44
C19 995 C . -7.63 -4.84 -3.18
N4 995 C . -8.94 -5.47 -2.96
C20 995 C . -9.49 -5.76 -1.77
N5 995 C . -8.86 -5.47 -0.63
N6 995 C . -10.71 -6.33 -1.75
#